data_3MA6
#
_entry.id   3MA6
#
_cell.length_a   50.329
_cell.length_b   145.923
_cell.length_c   52.111
_cell.angle_alpha   90.000
_cell.angle_beta   99.630
_cell.angle_gamma   90.000
#
_symmetry.space_group_name_H-M   'P 1 21 1'
#
loop_
_entity.id
_entity.type
_entity.pdbx_description
1 polymer 'Calmodulin-domain protein kinase 1'
2 non-polymer 3-(3-bromobenzyl)-1-tert-butyl-1H-pyrazolo[3,4-d]pyrimidin-4-amine
3 water water
#
_entity_poly.entity_id   1
_entity_poly.type   'polypeptide(L)'
_entity_poly.pdbx_seq_one_letter_code
;MHHHHHHSSGRENLYFQGPGMFVQHSTAIFSDRYKGQRVLGKGSFGEVILCKDKITGQECAVKVISKRQVKQKTDKESLL
REVQLLKQLDHPNIMKLYEFFEDKGYFYLVGEVYTGGELFDEIISRKRFSEVDAARIIRQVLSGITYMHKNKIVHRDLKP
ENLLLESKSKDANIRIIDFGLSTHFEASKKMKDKIGTAYYIAPEVLHGTYDEKCDVWSTGVILYILLSGCPPFNGANEYD
ILKKVEKGKYTFELPQWKKVSESAKDLIRKMLTYVPSMRISARDALDHEWIQTYTKEQ
;
_entity_poly.pdbx_strand_id   A,B
#
# COMPACT_ATOMS: atom_id res chain seq x y z
N ILE A 29 -9.62 45.89 -9.78
CA ILE A 29 -8.40 45.23 -9.31
C ILE A 29 -8.65 44.41 -8.00
N PHE A 30 -7.67 43.55 -7.62
CA PHE A 30 -7.74 42.69 -6.44
C PHE A 30 -7.74 43.49 -5.12
N SER A 31 -6.93 44.57 -5.06
CA SER A 31 -6.79 45.46 -3.90
C SER A 31 -8.13 46.14 -3.51
N ASP A 32 -8.95 46.51 -4.52
CA ASP A 32 -10.25 47.16 -4.33
C ASP A 32 -11.33 46.23 -3.74
N ARG A 33 -11.10 44.88 -3.77
CA ARG A 33 -12.11 43.92 -3.33
C ARG A 33 -11.71 43.04 -2.14
N TYR A 34 -10.43 42.60 -2.05
CA TYR A 34 -9.97 41.72 -0.97
C TYR A 34 -8.65 42.16 -0.34
N LYS A 35 -8.49 41.91 0.97
CA LYS A 35 -7.31 42.23 1.77
C LYS A 35 -6.61 40.92 2.16
N GLY A 36 -5.34 40.79 1.80
CA GLY A 36 -4.54 39.59 2.06
C GLY A 36 -4.07 39.40 3.47
N GLN A 37 -4.14 38.15 3.96
CA GLN A 37 -3.69 37.75 5.30
C GLN A 37 -2.50 36.78 5.21
N ARG A 38 -2.69 35.54 5.69
CA ARG A 38 -1.68 34.47 5.73
C ARG A 38 -1.67 33.60 4.47
N VAL A 39 -0.54 32.91 4.24
CA VAL A 39 -0.33 31.99 3.13
C VAL A 39 -0.82 30.60 3.59
N LEU A 40 -1.94 30.13 3.01
CA LEU A 40 -2.55 28.84 3.34
C LEU A 40 -1.70 27.65 2.87
N GLY A 41 -0.98 27.85 1.76
CA GLY A 41 -0.13 26.85 1.13
C GLY A 41 0.00 27.04 -0.36
N LYS A 42 0.69 26.10 -1.03
CA LYS A 42 0.92 26.14 -2.47
C LYS A 42 -0.01 25.17 -3.19
N GLY A 43 -0.57 25.62 -4.31
CA GLY A 43 -1.47 24.84 -5.16
C GLY A 43 -0.83 24.36 -6.44
N SER A 44 -1.65 24.12 -7.46
CA SER A 44 -1.20 23.61 -8.77
C SER A 44 -0.46 24.69 -9.61
N PHE A 45 -1.17 25.78 -9.99
CA PHE A 45 -0.60 26.84 -10.83
C PHE A 45 -0.22 28.12 -10.06
N GLY A 46 -0.09 28.01 -8.73
CA GLY A 46 0.28 29.15 -7.89
C GLY A 46 -0.01 28.96 -6.42
N GLU A 47 0.44 29.94 -5.61
CA GLU A 47 0.29 29.95 -4.15
C GLU A 47 -1.11 30.41 -3.73
N VAL A 48 -1.66 29.76 -2.68
CA VAL A 48 -2.98 30.07 -2.10
C VAL A 48 -2.79 30.90 -0.83
N ILE A 49 -3.53 32.01 -0.71
CA ILE A 49 -3.48 32.93 0.44
C ILE A 49 -4.89 33.25 0.95
N LEU A 50 -5.04 33.38 2.28
CA LEU A 50 -6.32 33.70 2.91
C LEU A 50 -6.56 35.21 2.76
N CYS A 51 -7.72 35.58 2.19
CA CYS A 51 -8.09 36.98 1.97
C CYS A 51 -9.51 37.27 2.49
N LYS A 52 -9.74 38.51 2.97
CA LYS A 52 -11.05 38.93 3.48
C LYS A 52 -11.69 39.95 2.57
N ASP A 53 -13.00 39.79 2.32
CA ASP A 53 -13.78 40.72 1.48
C ASP A 53 -13.81 42.07 2.19
N LYS A 54 -13.38 43.13 1.47
CA LYS A 54 -13.29 44.49 2.01
C LYS A 54 -14.66 45.10 2.39
N ILE A 55 -15.78 44.46 1.99
CA ILE A 55 -17.10 44.98 2.33
C ILE A 55 -17.89 43.98 3.24
N THR A 56 -17.89 42.66 2.93
CA THR A 56 -18.66 41.68 3.75
C THR A 56 -17.83 41.06 4.88
N GLY A 57 -16.49 41.13 4.77
CA GLY A 57 -15.57 40.56 5.76
C GLY A 57 -15.36 39.06 5.67
N GLN A 58 -16.01 38.42 4.66
CA GLN A 58 -15.96 36.98 4.41
C GLN A 58 -14.56 36.52 4.02
N GLU A 59 -14.05 35.49 4.72
CA GLU A 59 -12.75 34.88 4.46
C GLU A 59 -12.86 34.06 3.18
N CYS A 60 -11.91 34.27 2.26
CA CYS A 60 -11.85 33.60 0.96
C CYS A 60 -10.44 33.06 0.73
N ALA A 61 -10.27 32.30 -0.36
CA ALA A 61 -9.00 31.73 -0.78
C ALA A 61 -8.63 32.27 -2.16
N VAL A 62 -7.41 32.81 -2.31
CA VAL A 62 -6.96 33.37 -3.59
C VAL A 62 -5.73 32.62 -4.14
N LYS A 63 -5.80 32.22 -5.42
CA LYS A 63 -4.72 31.52 -6.12
C LYS A 63 -3.97 32.55 -6.98
N VAL A 64 -2.73 32.87 -6.57
CA VAL A 64 -1.89 33.83 -7.28
C VAL A 64 -1.08 33.10 -8.36
N ILE A 65 -1.61 33.09 -9.60
CA ILE A 65 -0.98 32.44 -10.74
C ILE A 65 0.00 33.42 -11.42
N SER A 66 1.30 33.29 -11.07
CA SER A 66 2.40 34.13 -11.58
C SER A 66 2.57 33.97 -13.10
N LYS A 67 2.46 35.11 -13.84
CA LYS A 67 2.58 35.17 -15.31
C LYS A 67 4.00 34.80 -15.79
N ARG A 68 5.03 35.03 -14.94
CA ARG A 68 6.44 34.73 -15.23
C ARG A 68 6.74 33.22 -15.27
N GLN A 69 6.17 32.44 -14.31
CA GLN A 69 6.41 30.99 -14.20
C GLN A 69 5.30 30.13 -14.85
N VAL A 70 4.09 30.69 -15.05
CA VAL A 70 2.96 29.98 -15.65
C VAL A 70 2.57 30.61 -17.00
N LYS A 71 2.50 29.77 -18.06
CA LYS A 71 2.13 30.19 -19.42
C LYS A 71 0.62 30.06 -19.68
N GLN A 72 0.07 30.91 -20.56
CA GLN A 72 -1.35 30.91 -20.91
C GLN A 72 -1.58 30.07 -22.18
N LYS A 73 -2.24 28.91 -22.01
CA LYS A 73 -2.53 27.95 -23.09
C LYS A 73 -3.63 28.43 -24.05
N THR A 74 -4.46 29.41 -23.61
CA THR A 74 -5.56 29.95 -24.40
C THR A 74 -5.44 31.47 -24.60
N ASP A 75 -6.27 32.04 -25.51
CA ASP A 75 -6.33 33.47 -25.79
C ASP A 75 -6.99 34.18 -24.60
N LYS A 76 -6.47 35.37 -24.22
CA LYS A 76 -6.92 36.21 -23.08
C LYS A 76 -8.46 36.28 -22.92
N GLU A 77 -9.20 36.33 -24.04
CA GLU A 77 -10.68 36.41 -24.05
C GLU A 77 -11.35 35.07 -23.71
N SER A 78 -10.82 33.93 -24.21
CA SER A 78 -11.37 32.59 -23.97
C SER A 78 -11.21 32.16 -22.49
N LEU A 79 -10.17 32.66 -21.80
CA LEU A 79 -9.92 32.40 -20.38
C LEU A 79 -11.02 33.09 -19.56
N LEU A 80 -11.30 34.37 -19.87
CA LEU A 80 -12.34 35.19 -19.23
C LEU A 80 -13.76 34.66 -19.54
N ARG A 81 -13.95 34.08 -20.74
CA ARG A 81 -15.23 33.50 -21.19
C ARG A 81 -15.59 32.27 -20.34
N GLU A 82 -14.57 31.44 -20.01
CA GLU A 82 -14.72 30.23 -19.20
C GLU A 82 -14.92 30.59 -17.73
N VAL A 83 -14.11 31.56 -17.22
CA VAL A 83 -14.17 32.09 -15.85
C VAL A 83 -15.60 32.59 -15.53
N GLN A 84 -16.23 33.29 -16.51
CA GLN A 84 -17.59 33.81 -16.43
C GLN A 84 -18.59 32.67 -16.23
N LEU A 85 -18.42 31.56 -16.97
CA LEU A 85 -19.26 30.36 -16.86
C LEU A 85 -19.00 29.67 -15.51
N LEU A 86 -17.71 29.57 -15.08
CA LEU A 86 -17.29 28.96 -13.80
C LEU A 86 -17.93 29.65 -12.59
N LYS A 87 -18.05 31.01 -12.63
CA LYS A 87 -18.65 31.83 -11.58
C LYS A 87 -20.14 31.49 -11.35
N GLN A 88 -20.88 31.20 -12.44
CA GLN A 88 -22.30 30.84 -12.41
C GLN A 88 -22.53 29.41 -11.89
N LEU A 89 -21.51 28.53 -12.04
CA LEU A 89 -21.59 27.13 -11.63
C LEU A 89 -21.60 26.95 -10.11
N ASP A 90 -22.62 26.24 -9.59
CA ASP A 90 -22.80 25.95 -8.17
C ASP A 90 -23.21 24.48 -7.97
N HIS A 91 -22.41 23.75 -7.18
CA HIS A 91 -22.62 22.32 -6.85
C HIS A 91 -22.00 21.99 -5.48
N PRO A 92 -22.67 21.16 -4.62
CA PRO A 92 -22.12 20.86 -3.28
C PRO A 92 -20.78 20.11 -3.21
N ASN A 93 -20.24 19.64 -4.36
CA ASN A 93 -18.99 18.88 -4.38
C ASN A 93 -17.86 19.55 -5.20
N ILE A 94 -18.08 20.79 -5.67
CA ILE A 94 -17.07 21.56 -6.42
C ILE A 94 -16.80 22.89 -5.69
N MET A 95 -15.54 23.35 -5.71
CA MET A 95 -15.16 24.63 -5.10
C MET A 95 -15.82 25.77 -5.89
N LYS A 96 -16.58 26.63 -5.18
CA LYS A 96 -17.25 27.78 -5.78
C LYS A 96 -16.23 28.89 -6.05
N LEU A 97 -16.18 29.35 -7.31
CA LEU A 97 -15.33 30.43 -7.79
C LEU A 97 -16.14 31.72 -7.67
N TYR A 98 -15.61 32.71 -6.92
CA TYR A 98 -16.32 33.98 -6.71
C TYR A 98 -15.97 35.03 -7.75
N GLU A 99 -14.66 35.33 -7.95
CA GLU A 99 -14.20 36.35 -8.91
C GLU A 99 -12.77 36.12 -9.43
N PHE A 100 -12.44 36.77 -10.56
CA PHE A 100 -11.13 36.71 -11.21
C PHE A 100 -10.57 38.10 -11.47
N PHE A 101 -9.25 38.26 -11.25
CA PHE A 101 -8.51 39.52 -11.42
C PHE A 101 -7.22 39.26 -12.21
N GLU A 102 -6.75 40.25 -12.99
CA GLU A 102 -5.52 40.14 -13.79
C GLU A 102 -4.80 41.47 -13.96
N ASP A 103 -3.47 41.46 -13.75
CA ASP A 103 -2.58 42.61 -13.90
C ASP A 103 -1.37 42.26 -14.81
N LYS A 104 -0.32 43.10 -14.82
CA LYS A 104 0.88 42.89 -15.65
C LYS A 104 1.91 41.94 -14.99
N GLY A 105 1.63 41.52 -13.75
CA GLY A 105 2.52 40.64 -12.98
C GLY A 105 1.96 39.27 -12.64
N TYR A 106 0.69 39.21 -12.17
CA TYR A 106 0.04 37.95 -11.75
C TYR A 106 -1.41 37.80 -12.30
N PHE A 107 -2.12 36.77 -11.78
CA PHE A 107 -3.51 36.42 -12.07
C PHE A 107 -4.11 36.00 -10.73
N TYR A 108 -5.31 36.50 -10.41
CA TYR A 108 -5.93 36.23 -9.11
C TYR A 108 -7.28 35.54 -9.23
N LEU A 109 -7.37 34.29 -8.75
CA LEU A 109 -8.60 33.50 -8.73
C LEU A 109 -9.09 33.40 -7.28
N VAL A 110 -10.24 34.03 -6.99
CA VAL A 110 -10.80 34.06 -5.63
C VAL A 110 -11.99 33.09 -5.53
N GLY A 111 -11.95 32.25 -4.50
CA GLY A 111 -13.00 31.27 -4.24
C GLY A 111 -13.21 30.96 -2.77
N GLU A 112 -14.15 30.04 -2.50
CA GLU A 112 -14.53 29.56 -1.17
C GLU A 112 -13.34 28.86 -0.49
N VAL A 113 -13.07 29.21 0.77
CA VAL A 113 -11.99 28.60 1.55
C VAL A 113 -12.56 27.40 2.34
N TYR A 114 -11.81 26.27 2.37
CA TYR A 114 -12.21 25.03 3.03
C TYR A 114 -11.22 24.70 4.15
N THR A 115 -11.77 24.37 5.34
CA THR A 115 -11.01 24.13 6.58
C THR A 115 -10.75 22.66 6.97
N GLY A 116 -11.43 21.71 6.31
CA GLY A 116 -11.28 20.28 6.60
C GLY A 116 -9.99 19.61 6.17
N GLY A 117 -9.19 20.29 5.35
CA GLY A 117 -7.92 19.75 4.83
C GLY A 117 -8.11 18.67 3.79
N GLU A 118 -7.02 17.89 3.51
CA GLU A 118 -7.02 16.80 2.51
C GLU A 118 -7.81 15.59 2.99
N LEU A 119 -8.74 15.10 2.13
CA LEU A 119 -9.62 13.95 2.38
C LEU A 119 -8.84 12.69 2.79
N PHE A 120 -7.72 12.39 2.10
CA PHE A 120 -6.88 11.22 2.38
C PHE A 120 -6.25 11.24 3.78
N ASP A 121 -5.91 12.45 4.30
CA ASP A 121 -5.34 12.62 5.64
C ASP A 121 -6.38 12.23 6.72
N GLU A 122 -7.67 12.47 6.45
CA GLU A 122 -8.77 12.09 7.35
C GLU A 122 -8.99 10.56 7.33
N ILE A 123 -8.93 9.94 6.11
CA ILE A 123 -9.11 8.49 5.89
C ILE A 123 -8.06 7.70 6.65
N ILE A 124 -6.77 8.07 6.46
CA ILE A 124 -5.61 7.46 7.11
C ILE A 124 -5.76 7.52 8.66
N SER A 125 -6.22 8.67 9.19
CA SER A 125 -6.45 8.93 10.61
C SER A 125 -7.56 8.06 11.23
N ARG A 126 -8.54 7.60 10.41
CA ARG A 126 -9.67 6.76 10.86
C ARG A 126 -9.21 5.38 11.39
N LYS A 127 -10.08 4.72 12.18
CA LYS A 127 -9.80 3.41 12.76
C LYS A 127 -10.29 2.27 11.86
N ARG A 128 -11.36 2.52 11.07
CA ARG A 128 -11.91 1.53 10.13
C ARG A 128 -12.49 2.20 8.89
N PHE A 129 -12.10 1.68 7.70
CA PHE A 129 -12.52 2.18 6.39
C PHE A 129 -13.07 1.02 5.53
N SER A 130 -14.41 0.93 5.46
CA SER A 130 -15.15 -0.09 4.72
C SER A 130 -15.48 0.36 3.29
N GLU A 131 -16.05 -0.56 2.47
CA GLU A 131 -16.47 -0.31 1.09
C GLU A 131 -17.57 0.76 1.03
N VAL A 132 -18.46 0.79 2.06
CA VAL A 132 -19.56 1.75 2.22
C VAL A 132 -18.99 3.18 2.32
N ASP A 133 -17.87 3.33 3.05
CA ASP A 133 -17.16 4.59 3.26
C ASP A 133 -16.51 5.11 1.97
N ALA A 134 -15.92 4.20 1.15
CA ALA A 134 -15.27 4.54 -0.12
C ALA A 134 -16.31 4.95 -1.16
N ALA A 135 -17.50 4.32 -1.12
CA ALA A 135 -18.61 4.61 -2.03
C ALA A 135 -19.19 5.98 -1.74
N ARG A 136 -19.21 6.38 -0.45
CA ARG A 136 -19.68 7.70 0.00
C ARG A 136 -18.79 8.78 -0.64
N ILE A 137 -17.47 8.51 -0.71
CA ILE A 137 -16.46 9.39 -1.29
C ILE A 137 -16.60 9.48 -2.81
N ILE A 138 -16.53 8.33 -3.50
CA ILE A 138 -16.59 8.22 -4.97
C ILE A 138 -17.94 8.72 -5.51
N ARG A 139 -19.06 8.47 -4.79
CA ARG A 139 -20.40 8.97 -5.17
C ARG A 139 -20.35 10.50 -5.22
N GLN A 140 -19.72 11.13 -4.19
CA GLN A 140 -19.53 12.58 -4.10
C GLN A 140 -18.62 13.11 -5.21
N VAL A 141 -17.49 12.41 -5.48
CA VAL A 141 -16.50 12.81 -6.52
C VAL A 141 -17.15 12.72 -7.91
N LEU A 142 -17.92 11.64 -8.19
CA LEU A 142 -18.59 11.44 -9.48
C LEU A 142 -19.67 12.50 -9.75
N SER A 143 -20.54 12.82 -8.74
CA SER A 143 -21.58 13.86 -8.83
C SER A 143 -20.97 15.19 -9.30
N GLY A 144 -19.82 15.53 -8.71
CA GLY A 144 -19.04 16.72 -9.04
C GLY A 144 -18.52 16.73 -10.46
N ILE A 145 -17.96 15.58 -10.93
CA ILE A 145 -17.41 15.45 -12.29
C ILE A 145 -18.57 15.47 -13.31
N THR A 146 -19.70 14.80 -12.97
CA THR A 146 -20.92 14.73 -13.80
C THR A 146 -21.43 16.14 -14.14
N TYR A 147 -21.47 17.04 -13.12
CA TYR A 147 -21.89 18.44 -13.24
C TYR A 147 -20.98 19.22 -14.19
N MET A 148 -19.65 19.17 -13.96
CA MET A 148 -18.66 19.88 -14.79
C MET A 148 -18.62 19.37 -16.23
N HIS A 149 -18.89 18.04 -16.43
CA HIS A 149 -18.95 17.39 -17.74
C HIS A 149 -20.18 17.85 -18.54
N LYS A 150 -21.32 18.03 -17.84
CA LYS A 150 -22.57 18.55 -18.42
C LYS A 150 -22.38 20.01 -18.85
N ASN A 151 -21.48 20.74 -18.14
CA ASN A 151 -21.17 22.16 -18.37
C ASN A 151 -19.83 22.37 -19.11
N LYS A 152 -19.37 21.33 -19.85
CA LYS A 152 -18.18 21.30 -20.72
C LYS A 152 -16.85 21.75 -20.03
N ILE A 153 -16.67 21.36 -18.75
CA ILE A 153 -15.45 21.66 -17.96
C ILE A 153 -14.75 20.33 -17.63
N VAL A 154 -13.41 20.29 -17.85
CA VAL A 154 -12.55 19.12 -17.59
C VAL A 154 -11.51 19.45 -16.50
N HIS A 155 -11.05 18.42 -15.76
CA HIS A 155 -10.02 18.60 -14.73
C HIS A 155 -8.65 18.21 -15.28
N ARG A 156 -8.51 16.96 -15.80
CA ARG A 156 -7.28 16.36 -16.36
C ARG A 156 -6.28 15.92 -15.27
N ASP A 157 -5.95 16.80 -14.29
CA ASP A 157 -4.98 16.50 -13.22
C ASP A 157 -5.65 16.15 -11.86
N LEU A 158 -6.81 15.47 -11.89
CA LEU A 158 -7.56 15.05 -10.69
C LEU A 158 -6.79 13.98 -9.87
N LYS A 159 -6.51 14.29 -8.59
CA LYS A 159 -5.76 13.43 -7.66
C LYS A 159 -6.19 13.70 -6.17
N PRO A 160 -5.74 12.88 -5.15
CA PRO A 160 -6.16 13.15 -3.74
C PRO A 160 -5.96 14.58 -3.24
N GLU A 161 -4.85 15.26 -3.67
CA GLU A 161 -4.52 16.65 -3.30
C GLU A 161 -5.65 17.61 -3.71
N ASN A 162 -6.39 17.27 -4.79
CA ASN A 162 -7.50 18.05 -5.33
C ASN A 162 -8.84 17.68 -4.67
N LEU A 163 -8.82 16.85 -3.61
CA LEU A 163 -10.01 16.43 -2.88
C LEU A 163 -9.93 16.96 -1.45
N LEU A 164 -10.63 18.07 -1.21
CA LEU A 164 -10.61 18.72 0.11
C LEU A 164 -11.91 18.52 0.86
N LEU A 165 -11.82 18.55 2.19
CA LEU A 165 -12.99 18.46 3.04
C LEU A 165 -13.43 19.90 3.34
N GLU A 166 -14.74 20.17 3.15
CA GLU A 166 -15.35 21.48 3.33
C GLU A 166 -15.02 22.10 4.70
N SER A 167 -15.21 21.33 5.78
CA SER A 167 -14.97 21.74 7.18
C SER A 167 -14.48 20.57 8.04
N LYS A 168 -14.09 20.87 9.31
CA LYS A 168 -13.63 19.85 10.26
C LYS A 168 -14.81 19.07 10.88
N SER A 169 -16.06 19.35 10.42
CA SER A 169 -17.31 18.73 10.85
C SER A 169 -17.34 17.21 10.62
N LYS A 170 -18.18 16.50 11.41
CA LYS A 170 -18.35 15.05 11.38
C LYS A 170 -18.94 14.53 10.06
N ASP A 171 -19.98 15.21 9.54
CA ASP A 171 -20.66 14.84 8.29
C ASP A 171 -20.33 15.85 7.15
N ALA A 172 -19.04 16.28 7.08
CA ALA A 172 -18.55 17.24 6.10
C ALA A 172 -18.47 16.64 4.69
N ASN A 173 -18.76 17.48 3.67
CA ASN A 173 -18.75 17.12 2.25
C ASN A 173 -17.38 17.28 1.61
N ILE A 174 -17.13 16.52 0.53
CA ILE A 174 -15.89 16.57 -0.25
C ILE A 174 -16.06 17.68 -1.31
N ARG A 175 -15.00 18.48 -1.52
CA ARG A 175 -14.97 19.56 -2.50
C ARG A 175 -13.81 19.36 -3.45
N ILE A 176 -14.07 19.40 -4.76
CA ILE A 176 -13.04 19.22 -5.78
C ILE A 176 -12.49 20.61 -6.18
N ILE A 177 -11.16 20.78 -6.07
CA ILE A 177 -10.50 22.05 -6.41
C ILE A 177 -9.73 21.95 -7.73
N ASP A 178 -9.39 23.13 -8.33
CA ASP A 178 -8.60 23.31 -9.55
C ASP A 178 -9.28 22.81 -10.86
N PHE A 179 -10.63 22.64 -10.86
CA PHE A 179 -11.35 22.22 -12.06
C PHE A 179 -11.30 23.30 -13.16
N GLY A 180 -10.87 22.91 -14.37
CA GLY A 180 -10.77 23.78 -15.54
C GLY A 180 -9.50 24.59 -15.69
N LEU A 181 -8.62 24.57 -14.68
CA LEU A 181 -7.38 25.36 -14.70
C LEU A 181 -6.35 24.82 -15.68
N SER A 182 -6.28 23.46 -15.84
CA SER A 182 -5.35 22.76 -16.75
C SER A 182 -5.57 23.18 -18.21
N THR A 183 -6.85 23.42 -18.60
CA THR A 183 -7.32 23.83 -19.92
C THR A 183 -6.70 25.19 -20.36
N HIS A 184 -6.49 26.13 -19.41
CA HIS A 184 -5.97 27.47 -19.69
C HIS A 184 -4.54 27.73 -19.21
N PHE A 185 -4.06 27.02 -18.17
CA PHE A 185 -2.73 27.24 -17.61
C PHE A 185 -1.81 26.01 -17.76
N GLU A 186 -0.46 26.25 -17.76
CA GLU A 186 0.58 25.22 -17.86
C GLU A 186 1.84 25.65 -17.10
N SER A 188 5.04 24.95 -15.61
CA SER A 188 6.34 25.00 -14.93
C SER A 188 6.85 23.59 -14.54
N LYS A 189 7.93 23.51 -13.74
CA LYS A 189 8.54 22.24 -13.29
C LYS A 189 8.17 21.94 -11.83
N LYS A 190 7.76 20.68 -11.56
CA LYS A 190 7.38 20.23 -10.23
C LYS A 190 7.85 18.77 -10.02
N MET A 191 9.17 18.60 -9.72
CA MET A 191 9.82 17.30 -9.50
C MET A 191 9.33 16.61 -8.22
N LYS A 192 9.06 17.40 -7.15
CA LYS A 192 8.56 16.91 -5.85
C LYS A 192 7.07 16.48 -5.93
N ASP A 193 6.38 16.89 -7.02
CA ASP A 193 4.97 16.60 -7.29
C ASP A 193 4.77 15.80 -8.60
N LYS A 194 5.90 15.42 -9.27
CA LYS A 194 5.92 14.67 -10.54
C LYS A 194 5.38 13.24 -10.35
N ILE A 195 5.91 12.50 -9.34
CA ILE A 195 5.51 11.12 -9.02
C ILE A 195 4.04 11.07 -8.56
N GLY A 196 3.60 12.10 -7.83
CA GLY A 196 2.24 12.24 -7.32
C GLY A 196 1.18 12.34 -8.40
N THR A 197 1.48 13.06 -9.50
CA THR A 197 0.56 13.25 -10.64
C THR A 197 0.53 12.03 -11.57
N ALA A 198 1.65 11.28 -11.64
CA ALA A 198 1.84 10.12 -12.52
C ALA A 198 0.91 8.95 -12.21
N TYR A 199 0.56 8.74 -10.93
CA TYR A 199 -0.31 7.64 -10.50
C TYR A 199 -1.72 7.73 -11.03
N TYR A 200 -2.25 8.94 -11.18
CA TYR A 200 -3.65 9.22 -11.51
C TYR A 200 -3.94 9.66 -12.95
N ILE A 201 -2.88 10.02 -13.72
CA ILE A 201 -3.01 10.51 -15.10
C ILE A 201 -3.59 9.43 -16.04
N ALA A 202 -4.34 9.87 -17.05
CA ALA A 202 -4.97 9.02 -18.04
C ALA A 202 -4.02 8.72 -19.20
N PRO A 203 -4.10 7.52 -19.87
CA PRO A 203 -3.18 7.23 -20.98
C PRO A 203 -3.34 8.18 -22.19
N GLU A 204 -4.59 8.65 -22.48
CA GLU A 204 -4.87 9.59 -23.59
C GLU A 204 -4.15 10.91 -23.40
N VAL A 205 -4.09 11.40 -22.14
CA VAL A 205 -3.40 12.65 -21.77
C VAL A 205 -1.91 12.50 -22.12
N LEU A 206 -1.33 11.31 -21.84
CA LEU A 206 0.07 11.01 -22.15
C LEU A 206 0.30 11.01 -23.65
N HIS A 207 -0.71 10.49 -24.43
CA HIS A 207 -0.69 10.45 -25.90
C HIS A 207 -0.74 11.89 -26.46
N GLY A 208 -1.58 12.73 -25.85
CA GLY A 208 -1.77 14.12 -26.23
C GLY A 208 -3.20 14.48 -26.57
N THR A 209 -3.93 13.51 -27.16
CA THR A 209 -5.32 13.68 -27.58
C THR A 209 -6.26 13.19 -26.46
N TYR A 210 -6.72 14.13 -25.61
CA TYR A 210 -7.62 13.82 -24.50
C TYR A 210 -8.92 14.63 -24.55
N ASP A 211 -9.98 14.08 -23.94
CA ASP A 211 -11.30 14.69 -23.83
C ASP A 211 -11.75 14.67 -22.34
N GLU A 212 -13.06 14.61 -22.07
CA GLU A 212 -13.58 14.61 -20.70
C GLU A 212 -13.38 13.27 -19.97
N LYS A 213 -13.20 12.16 -20.72
CA LYS A 213 -13.06 10.78 -20.23
C LYS A 213 -11.89 10.57 -19.26
N CYS A 214 -10.82 11.39 -19.38
CA CYS A 214 -9.62 11.38 -18.54
C CYS A 214 -9.92 11.47 -17.03
N ASP A 215 -10.96 12.25 -16.66
CA ASP A 215 -11.35 12.42 -15.25
C ASP A 215 -11.94 11.14 -14.65
N VAL A 216 -12.64 10.33 -15.49
CA VAL A 216 -13.25 9.04 -15.07
C VAL A 216 -12.14 8.02 -14.74
N TRP A 217 -11.01 8.07 -15.50
CA TRP A 217 -9.84 7.22 -15.30
C TRP A 217 -9.19 7.55 -13.95
N SER A 218 -8.99 8.85 -13.67
CA SER A 218 -8.37 9.35 -12.44
C SER A 218 -9.19 8.95 -11.21
N THR A 219 -10.55 9.02 -11.31
CA THR A 219 -11.49 8.61 -10.25
C THR A 219 -11.41 7.09 -10.06
N GLY A 220 -11.09 6.37 -11.15
CA GLY A 220 -10.90 4.93 -11.14
C GLY A 220 -9.69 4.56 -10.31
N VAL A 221 -8.57 5.33 -10.50
CA VAL A 221 -7.31 5.17 -9.77
C VAL A 221 -7.54 5.46 -8.28
N ILE A 222 -8.26 6.57 -7.99
CA ILE A 222 -8.63 6.98 -6.63
C ILE A 222 -9.47 5.84 -5.96
N LEU A 223 -10.47 5.31 -6.69
CA LEU A 223 -11.33 4.21 -6.21
C LEU A 223 -10.51 2.95 -5.92
N TYR A 224 -9.57 2.59 -6.82
CA TYR A 224 -8.68 1.44 -6.71
C TYR A 224 -7.85 1.53 -5.42
N ILE A 225 -7.27 2.71 -5.14
CA ILE A 225 -6.46 2.99 -3.95
C ILE A 225 -7.32 2.99 -2.69
N LEU A 226 -8.57 3.46 -2.76
CA LEU A 226 -9.43 3.46 -1.57
C LEU A 226 -9.84 2.05 -1.15
N LEU A 227 -9.89 1.13 -2.10
CA LEU A 227 -10.30 -0.25 -1.89
C LEU A 227 -9.17 -1.18 -1.47
N SER A 228 -7.98 -1.00 -2.07
CA SER A 228 -6.81 -1.84 -1.79
C SER A 228 -5.71 -1.16 -0.99
N GLY A 229 -5.58 0.15 -1.12
CA GLY A 229 -4.53 0.92 -0.46
C GLY A 229 -3.31 1.12 -1.34
N CYS A 230 -3.22 0.37 -2.45
CA CYS A 230 -2.10 0.38 -3.38
C CYS A 230 -2.47 0.96 -4.74
N PRO A 231 -1.60 1.80 -5.35
CA PRO A 231 -1.90 2.32 -6.70
C PRO A 231 -1.91 1.20 -7.75
N PRO A 232 -2.83 1.22 -8.75
CA PRO A 232 -2.85 0.13 -9.76
C PRO A 232 -1.63 0.13 -10.70
N PHE A 233 -0.95 1.29 -10.80
CA PHE A 233 0.23 1.46 -11.63
C PHE A 233 1.33 1.91 -10.72
N ASN A 234 2.28 1.02 -10.49
CA ASN A 234 3.38 1.24 -9.57
C ASN A 234 4.69 1.52 -10.29
N GLY A 235 5.69 1.92 -9.50
CA GLY A 235 7.02 2.23 -9.96
C GLY A 235 7.79 3.04 -8.94
N ALA A 236 9.12 2.84 -8.91
CA ALA A 236 10.04 3.52 -8.01
C ALA A 236 10.27 4.98 -8.40
N ASN A 237 9.93 5.36 -9.65
CA ASN A 237 10.08 6.73 -10.17
C ASN A 237 8.97 7.08 -11.16
N GLU A 238 8.82 8.41 -11.51
N GLU A 238 8.84 8.39 -11.50
CA GLU A 238 7.82 8.96 -12.44
CA GLU A 238 7.90 9.02 -12.43
C GLU A 238 7.73 8.18 -13.75
C GLU A 238 7.75 8.25 -13.75
N TYR A 239 8.88 7.97 -14.44
CA TYR A 239 8.93 7.24 -15.72
C TYR A 239 8.34 5.83 -15.60
N ASP A 240 8.79 5.07 -14.55
CA ASP A 240 8.32 3.71 -14.26
C ASP A 240 6.80 3.66 -14.03
N ILE A 241 6.25 4.70 -13.39
CA ILE A 241 4.82 4.79 -13.13
C ILE A 241 4.09 5.12 -14.45
N LEU A 242 4.61 6.09 -15.24
CA LEU A 242 4.02 6.51 -16.52
C LEU A 242 4.01 5.38 -17.56
N LYS A 243 5.05 4.53 -17.57
CA LYS A 243 5.15 3.36 -18.46
C LYS A 243 4.03 2.37 -18.16
N LYS A 244 3.79 2.09 -16.85
CA LYS A 244 2.72 1.20 -16.38
C LYS A 244 1.35 1.77 -16.73
N VAL A 245 1.16 3.10 -16.51
CA VAL A 245 -0.07 3.84 -16.85
C VAL A 245 -0.36 3.70 -18.35
N GLU A 246 0.69 3.91 -19.17
CA GLU A 246 0.67 3.83 -20.62
C GLU A 246 0.26 2.45 -21.13
N LYS A 247 0.80 1.36 -20.54
CA LYS A 247 0.47 -0.01 -20.95
C LYS A 247 -0.99 -0.37 -20.58
N GLY A 248 -1.51 0.30 -19.54
CA GLY A 248 -2.89 0.16 -19.06
C GLY A 248 -3.28 -1.12 -18.37
N LYS A 249 -2.30 -2.03 -18.12
CA LYS A 249 -2.58 -3.31 -17.47
C LYS A 249 -2.42 -3.22 -15.95
N TYR A 250 -3.42 -3.75 -15.24
CA TYR A 250 -3.55 -3.80 -13.79
C TYR A 250 -4.20 -5.12 -13.38
N THR A 251 -4.09 -5.48 -12.09
CA THR A 251 -4.64 -6.75 -11.58
C THR A 251 -5.40 -6.56 -10.29
N PHE A 252 -6.17 -7.58 -9.91
CA PHE A 252 -6.89 -7.63 -8.65
C PHE A 252 -6.30 -8.83 -7.88
N GLU A 253 -4.98 -9.05 -8.08
CA GLU A 253 -4.22 -10.16 -7.53
C GLU A 253 -3.82 -9.98 -6.07
N LEU A 254 -3.58 -8.73 -5.62
CA LEU A 254 -3.16 -8.45 -4.24
C LEU A 254 -4.22 -8.95 -3.23
N PRO A 255 -3.78 -9.58 -2.10
CA PRO A 255 -4.72 -10.21 -1.15
C PRO A 255 -5.95 -9.40 -0.72
N GLN A 256 -5.81 -8.06 -0.61
CA GLN A 256 -6.87 -7.13 -0.22
C GLN A 256 -8.10 -7.13 -1.17
N TRP A 257 -7.93 -7.63 -2.40
CA TRP A 257 -9.00 -7.66 -3.39
C TRP A 257 -10.01 -8.80 -3.19
N LYS A 258 -9.67 -9.83 -2.39
CA LYS A 258 -10.57 -10.96 -2.11
C LYS A 258 -11.80 -10.55 -1.27
N LYS A 259 -11.62 -9.55 -0.38
CA LYS A 259 -12.67 -9.00 0.50
C LYS A 259 -13.61 -8.08 -0.28
N VAL A 260 -13.08 -7.42 -1.32
CA VAL A 260 -13.81 -6.46 -2.15
C VAL A 260 -14.88 -7.18 -3.01
N SER A 261 -16.10 -6.57 -3.08
CA SER A 261 -17.24 -7.08 -3.85
C SER A 261 -16.93 -7.09 -5.34
N GLU A 262 -17.58 -8.01 -6.09
CA GLU A 262 -17.43 -8.15 -7.53
C GLU A 262 -18.03 -6.95 -8.29
N SER A 263 -19.03 -6.27 -7.69
CA SER A 263 -19.70 -5.08 -8.24
C SER A 263 -18.75 -3.88 -8.31
N ALA A 264 -17.90 -3.70 -7.27
CA ALA A 264 -16.90 -2.63 -7.20
C ALA A 264 -15.83 -2.85 -8.28
N LYS A 265 -15.36 -4.12 -8.41
CA LYS A 265 -14.37 -4.55 -9.39
C LYS A 265 -14.89 -4.31 -10.80
N ASP A 266 -16.21 -4.55 -11.01
CA ASP A 266 -16.91 -4.34 -12.28
C ASP A 266 -16.87 -2.86 -12.64
N LEU A 267 -17.09 -1.98 -11.65
CA LEU A 267 -17.04 -0.52 -11.81
C LEU A 267 -15.61 -0.03 -12.13
N ILE A 268 -14.56 -0.56 -11.41
CA ILE A 268 -13.15 -0.21 -11.66
C ILE A 268 -12.78 -0.64 -13.08
N ARG A 269 -13.25 -1.85 -13.49
CA ARG A 269 -13.03 -2.38 -14.84
C ARG A 269 -13.63 -1.44 -15.89
N LYS A 270 -14.89 -1.00 -15.67
CA LYS A 270 -15.61 -0.06 -16.53
C LYS A 270 -14.92 1.32 -16.56
N MET A 271 -14.33 1.75 -15.39
CA MET A 271 -13.64 3.04 -15.25
C MET A 271 -12.21 3.04 -15.81
N LEU A 272 -11.48 1.91 -15.69
CA LEU A 272 -10.09 1.86 -16.18
C LEU A 272 -9.98 1.24 -17.60
N THR A 273 -11.06 1.37 -18.40
CA THR A 273 -11.12 0.90 -19.79
C THR A 273 -10.17 1.79 -20.57
N TYR A 274 -9.13 1.18 -21.15
CA TYR A 274 -8.04 1.87 -21.85
C TYR A 274 -8.52 2.87 -22.93
N VAL A 275 -9.36 2.42 -23.88
CA VAL A 275 -9.87 3.27 -24.96
C VAL A 275 -10.89 4.27 -24.38
N PRO A 276 -10.61 5.60 -24.47
CA PRO A 276 -11.52 6.61 -23.87
C PRO A 276 -12.93 6.57 -24.46
N SER A 277 -13.04 6.27 -25.77
CA SER A 277 -14.28 6.13 -26.52
C SER A 277 -15.12 5.00 -25.88
N MET A 278 -14.44 3.87 -25.56
CA MET A 278 -15.02 2.67 -24.94
C MET A 278 -15.21 2.84 -23.42
N ARG A 279 -14.42 3.73 -22.78
CA ARG A 279 -14.49 4.04 -21.34
C ARG A 279 -15.85 4.64 -21.02
N ILE A 280 -16.48 4.20 -19.92
CA ILE A 280 -17.81 4.69 -19.55
C ILE A 280 -17.73 6.12 -18.97
N SER A 281 -18.79 6.91 -19.21
CA SER A 281 -18.91 8.30 -18.78
C SER A 281 -19.10 8.42 -17.26
N ALA A 282 -18.95 9.67 -16.73
CA ALA A 282 -19.13 9.99 -15.31
C ALA A 282 -20.59 9.77 -14.87
N ARG A 283 -21.57 10.14 -15.74
CA ARG A 283 -23.01 9.99 -15.49
C ARG A 283 -23.38 8.51 -15.31
N ASP A 284 -22.84 7.63 -16.19
CA ASP A 284 -23.08 6.17 -16.14
C ASP A 284 -22.30 5.52 -15.01
N ALA A 285 -21.12 6.08 -14.64
CA ALA A 285 -20.28 5.59 -13.53
C ALA A 285 -21.00 5.86 -12.20
N LEU A 286 -21.67 7.04 -12.12
CA LEU A 286 -22.47 7.49 -10.97
C LEU A 286 -23.75 6.63 -10.88
N ASP A 287 -24.16 6.05 -12.02
CA ASP A 287 -25.34 5.19 -12.10
C ASP A 287 -24.91 3.71 -12.22
N HIS A 288 -24.35 3.19 -11.11
CA HIS A 288 -23.87 1.82 -11.00
C HIS A 288 -24.48 1.14 -9.77
N GLU A 289 -24.63 -0.20 -9.83
CA GLU A 289 -25.16 -1.07 -8.77
C GLU A 289 -24.43 -0.80 -7.45
N TRP A 290 -23.09 -0.68 -7.51
CA TRP A 290 -22.20 -0.41 -6.37
C TRP A 290 -22.46 0.98 -5.78
N ILE A 291 -22.44 2.05 -6.61
CA ILE A 291 -22.68 3.44 -6.18
C ILE A 291 -24.07 3.58 -5.51
N GLN A 292 -25.12 3.01 -6.15
CA GLN A 292 -26.52 3.07 -5.67
C GLN A 292 -26.74 2.34 -4.33
N THR A 293 -26.32 1.05 -4.25
CA THR A 293 -26.50 0.20 -3.06
C THR A 293 -25.58 0.59 -1.88
N TYR A 294 -24.35 1.07 -2.17
CA TYR A 294 -23.40 1.45 -1.11
C TYR A 294 -23.48 2.93 -0.67
N THR A 295 -24.59 3.63 -1.03
CA THR A 295 -24.82 5.04 -0.63
C THR A 295 -26.24 5.20 -0.03
N LYS A 296 -27.17 5.88 -0.73
CA LYS A 296 -28.55 6.09 -0.27
C LYS A 296 -29.56 5.78 -1.36
N ILE B 29 3.84 -47.49 15.68
CA ILE B 29 4.58 -46.95 16.81
C ILE B 29 4.15 -45.51 17.14
N PHE B 30 4.22 -44.60 16.14
CA PHE B 30 3.85 -43.18 16.25
C PHE B 30 2.35 -42.99 16.52
N SER B 31 1.50 -43.79 15.84
CA SER B 31 0.04 -43.76 15.95
C SER B 31 -0.45 -44.13 17.36
N ASP B 32 0.37 -44.87 18.12
CA ASP B 32 0.06 -45.31 19.50
C ASP B 32 0.18 -44.14 20.49
N ARG B 33 1.17 -43.24 20.25
CA ARG B 33 1.46 -42.05 21.07
C ARG B 33 0.53 -40.87 20.73
N TYR B 34 0.37 -40.53 19.44
CA TYR B 34 -0.45 -39.39 19.00
C TYR B 34 -1.65 -39.81 18.15
N LYS B 35 -2.76 -39.04 18.22
CA LYS B 35 -3.95 -39.31 17.42
C LYS B 35 -4.45 -38.02 16.75
N GLY B 36 -4.65 -38.07 15.43
CA GLY B 36 -5.10 -36.94 14.64
C GLY B 36 -6.56 -36.59 14.85
N GLN B 37 -6.84 -35.29 15.00
CA GLN B 37 -8.20 -34.75 15.20
C GLN B 37 -8.69 -34.09 13.91
N ARG B 38 -7.86 -33.18 13.34
CA ARG B 38 -8.14 -32.42 12.12
C ARG B 38 -6.85 -31.90 11.47
N VAL B 39 -6.95 -31.45 10.19
CA VAL B 39 -5.83 -30.87 9.41
C VAL B 39 -5.81 -29.36 9.70
N LEU B 40 -4.61 -28.79 9.93
CA LEU B 40 -4.47 -27.35 10.21
C LEU B 40 -4.10 -26.55 8.95
N GLY B 41 -3.17 -27.07 8.15
CA GLY B 41 -2.70 -26.44 6.93
C GLY B 41 -1.50 -27.15 6.33
N LYS B 42 -0.85 -26.51 5.35
CA LYS B 42 0.30 -27.09 4.67
C LYS B 42 1.60 -26.34 4.98
N GLY B 43 2.69 -27.10 5.07
CA GLY B 43 4.03 -26.58 5.29
C GLY B 43 4.91 -26.76 4.07
N SER B 44 6.18 -26.32 4.17
CA SER B 44 7.17 -26.37 3.07
C SER B 44 7.43 -27.80 2.51
N PHE B 45 7.34 -28.85 3.36
CA PHE B 45 7.62 -30.24 2.94
C PHE B 45 6.52 -31.25 3.34
N GLY B 46 5.45 -30.79 3.96
CA GLY B 46 4.35 -31.66 4.38
C GLY B 46 3.27 -30.94 5.16
N GLU B 47 2.05 -31.52 5.17
CA GLU B 47 0.88 -30.99 5.87
C GLU B 47 1.06 -31.02 7.38
N VAL B 48 0.53 -30.01 8.09
CA VAL B 48 0.62 -29.99 9.56
C VAL B 48 -0.76 -30.42 10.11
N ILE B 49 -0.74 -31.33 11.10
CA ILE B 49 -1.93 -31.95 11.70
C ILE B 49 -2.03 -31.65 13.20
N LEU B 50 -3.27 -31.54 13.70
CA LEU B 50 -3.55 -31.33 15.12
C LEU B 50 -3.67 -32.72 15.75
N CYS B 51 -2.65 -33.10 16.54
CA CYS B 51 -2.58 -34.39 17.22
C CYS B 51 -2.61 -34.23 18.73
N LYS B 52 -3.44 -35.04 19.41
CA LYS B 52 -3.51 -35.02 20.88
C LYS B 52 -2.61 -36.13 21.40
N ASP B 53 -1.61 -35.76 22.21
CA ASP B 53 -0.65 -36.68 22.82
C ASP B 53 -1.37 -37.54 23.87
N LYS B 54 -1.25 -38.89 23.77
CA LYS B 54 -1.90 -39.82 24.70
C LYS B 54 -1.25 -39.81 26.08
N ILE B 55 0.10 -39.70 26.14
CA ILE B 55 0.86 -39.68 27.38
C ILE B 55 0.63 -38.34 28.15
N THR B 56 0.90 -37.18 27.51
CA THR B 56 0.76 -35.85 28.14
C THR B 56 -0.70 -35.40 28.27
N GLY B 57 -1.52 -35.69 27.26
CA GLY B 57 -2.92 -35.27 27.21
C GLY B 57 -3.07 -33.88 26.61
N GLN B 58 -2.01 -33.39 25.94
CA GLN B 58 -1.95 -32.06 25.31
C GLN B 58 -1.97 -32.11 23.79
N GLU B 59 -2.63 -31.10 23.17
CA GLU B 59 -2.72 -30.94 21.71
C GLU B 59 -1.38 -30.35 21.21
N CYS B 60 -0.90 -30.84 20.04
CA CYS B 60 0.36 -30.40 19.44
C CYS B 60 0.27 -30.31 17.90
N ALA B 61 1.26 -29.68 17.26
CA ALA B 61 1.32 -29.51 15.81
C ALA B 61 2.35 -30.48 15.23
N VAL B 62 1.88 -31.39 14.36
CA VAL B 62 2.75 -32.41 13.76
C VAL B 62 2.86 -32.18 12.26
N LYS B 63 4.10 -31.95 11.78
CA LYS B 63 4.39 -31.77 10.37
C LYS B 63 4.69 -33.16 9.78
N VAL B 64 3.72 -33.71 9.02
CA VAL B 64 3.84 -35.04 8.40
C VAL B 64 4.45 -34.87 7.00
N ILE B 65 5.76 -35.12 6.89
CA ILE B 65 6.48 -35.04 5.62
C ILE B 65 6.56 -36.47 5.01
N SER B 66 6.18 -36.59 3.72
CA SER B 66 6.17 -37.86 2.98
C SER B 66 7.47 -38.04 2.20
N LYS B 67 8.07 -39.24 2.31
CA LYS B 67 9.31 -39.61 1.62
C LYS B 67 9.09 -39.77 0.11
N ARG B 68 7.83 -40.04 -0.29
CA ARG B 68 7.38 -40.19 -1.68
C ARG B 68 7.05 -38.82 -2.32
N GLN B 69 7.06 -37.73 -1.50
CA GLN B 69 6.76 -36.36 -1.94
C GLN B 69 8.00 -35.42 -1.89
N VAL B 70 9.11 -35.87 -1.24
CA VAL B 70 10.35 -35.07 -1.15
C VAL B 70 11.60 -35.94 -1.30
N LYS B 71 12.61 -35.43 -2.02
CA LYS B 71 13.89 -36.12 -2.27
C LYS B 71 14.96 -35.78 -1.22
N GLN B 72 15.72 -36.80 -0.81
CA GLN B 72 16.81 -36.70 0.18
C GLN B 72 18.12 -37.19 -0.42
N THR B 74 19.48 -34.22 0.31
CA THR B 74 20.89 -33.98 0.09
C THR B 74 21.80 -34.72 1.09
N ASP B 75 21.36 -34.81 2.38
CA ASP B 75 22.12 -35.47 3.46
C ASP B 75 21.49 -36.80 3.94
N LYS B 76 22.27 -37.61 4.69
CA LYS B 76 21.84 -38.91 5.24
C LYS B 76 22.03 -38.94 6.77
N GLU B 77 23.27 -38.67 7.24
CA GLU B 77 23.62 -38.65 8.67
C GLU B 77 23.51 -37.23 9.25
N SER B 78 23.87 -36.20 8.43
CA SER B 78 23.82 -34.78 8.78
C SER B 78 22.38 -34.28 9.00
N LEU B 79 21.39 -34.99 8.42
CA LEU B 79 19.95 -34.70 8.55
C LEU B 79 19.49 -34.86 10.01
N LEU B 80 20.04 -35.88 10.72
CA LEU B 80 19.75 -36.16 12.12
C LEU B 80 20.40 -35.11 13.03
N ARG B 81 21.59 -34.62 12.62
CA ARG B 81 22.37 -33.59 13.33
C ARG B 81 21.63 -32.25 13.33
N GLU B 82 21.03 -31.88 12.17
CA GLU B 82 20.25 -30.66 11.98
C GLU B 82 18.95 -30.74 12.77
N VAL B 83 18.30 -31.92 12.78
CA VAL B 83 17.05 -32.19 13.50
C VAL B 83 17.27 -32.15 15.03
N GLN B 84 18.52 -32.42 15.47
CA GLN B 84 18.91 -32.41 16.88
C GLN B 84 18.98 -30.98 17.44
N LEU B 85 19.57 -30.04 16.67
CA LEU B 85 19.73 -28.62 17.04
C LEU B 85 18.39 -27.90 17.25
N LEU B 86 17.42 -28.09 16.33
CA LEU B 86 16.09 -27.47 16.32
C LEU B 86 15.29 -27.66 17.65
N LYS B 87 15.58 -28.75 18.38
CA LYS B 87 14.94 -29.04 19.67
C LYS B 87 15.69 -28.39 20.84
N GLN B 88 17.00 -28.08 20.64
CA GLN B 88 17.89 -27.49 21.65
C GLN B 88 17.81 -25.93 21.73
N LEU B 89 16.65 -25.32 21.37
CA LEU B 89 16.44 -23.86 21.44
C LEU B 89 15.04 -23.52 21.97
N ASP B 90 14.98 -22.72 23.07
CA ASP B 90 13.73 -22.30 23.72
C ASP B 90 13.63 -20.76 23.79
N HIS B 91 12.89 -20.15 22.83
N HIS B 91 12.87 -20.15 22.87
CA HIS B 91 12.68 -18.69 22.73
CA HIS B 91 12.66 -18.71 22.76
C HIS B 91 11.18 -18.39 22.45
C HIS B 91 11.17 -18.40 22.46
N PRO B 92 10.57 -17.33 23.07
CA PRO B 92 9.13 -17.03 22.80
C PRO B 92 8.82 -16.48 21.39
N ASN B 93 9.83 -16.36 20.50
CA ASN B 93 9.64 -15.87 19.13
C ASN B 93 10.14 -16.87 18.05
N ILE B 94 10.66 -18.06 18.46
CA ILE B 94 11.10 -19.12 17.55
C ILE B 94 10.34 -20.43 17.87
N MET B 95 9.83 -21.12 16.82
CA MET B 95 9.07 -22.40 16.87
C MET B 95 9.74 -23.42 17.80
N LYS B 96 8.95 -24.02 18.72
CA LYS B 96 9.41 -25.02 19.68
C LYS B 96 9.19 -26.44 19.15
N LEU B 97 10.30 -27.13 18.78
CA LEU B 97 10.28 -28.51 18.28
C LEU B 97 10.46 -29.46 19.47
N TYR B 98 9.44 -30.30 19.74
CA TYR B 98 9.42 -31.25 20.86
C TYR B 98 10.11 -32.59 20.55
N GLU B 99 9.81 -33.21 19.37
CA GLU B 99 10.38 -34.50 18.97
C GLU B 99 10.37 -34.73 17.44
N PHE B 100 11.40 -35.43 16.93
CA PHE B 100 11.55 -35.79 15.51
C PHE B 100 11.54 -37.32 15.39
N PHE B 101 10.56 -37.88 14.64
CA PHE B 101 10.40 -39.33 14.48
C PHE B 101 10.57 -39.83 13.03
N GLU B 102 10.94 -41.12 12.91
CA GLU B 102 11.21 -41.83 11.65
C GLU B 102 10.18 -42.96 11.44
N ASP B 103 9.75 -43.14 10.16
CA ASP B 103 8.79 -44.16 9.72
C ASP B 103 9.31 -44.79 8.41
N LYS B 104 8.57 -45.78 7.86
CA LYS B 104 8.91 -46.46 6.60
C LYS B 104 8.95 -45.47 5.43
N GLY B 105 7.89 -44.68 5.29
CA GLY B 105 7.78 -43.68 4.24
C GLY B 105 7.38 -42.29 4.72
N TYR B 106 7.55 -42.02 6.04
CA TYR B 106 7.20 -40.73 6.64
C TYR B 106 8.21 -40.20 7.66
N PHE B 107 8.18 -38.87 7.84
CA PHE B 107 8.97 -38.12 8.83
C PHE B 107 7.95 -37.34 9.66
N TYR B 108 8.13 -37.33 10.98
CA TYR B 108 7.22 -36.60 11.87
C TYR B 108 7.97 -35.61 12.73
N LEU B 109 7.59 -34.33 12.65
CA LEU B 109 8.18 -33.26 13.45
C LEU B 109 7.10 -32.72 14.37
N VAL B 110 7.22 -33.05 15.66
CA VAL B 110 6.27 -32.67 16.70
C VAL B 110 6.68 -31.31 17.26
N GLY B 111 5.73 -30.39 17.29
CA GLY B 111 5.95 -29.04 17.78
C GLY B 111 4.78 -28.43 18.50
N GLU B 112 4.97 -27.22 19.03
CA GLU B 112 3.96 -26.45 19.77
C GLU B 112 2.89 -25.88 18.83
N VAL B 113 1.61 -25.99 19.23
CA VAL B 113 0.49 -25.48 18.44
C VAL B 113 0.24 -23.97 18.77
N TYR B 114 0.04 -23.14 17.71
CA TYR B 114 -0.23 -21.71 17.80
C TYR B 114 -1.55 -21.45 17.06
N THR B 115 -2.55 -20.89 17.78
CA THR B 115 -3.93 -20.69 17.28
C THR B 115 -4.26 -19.29 16.71
N GLY B 116 -3.26 -18.44 16.49
CA GLY B 116 -3.50 -17.10 15.96
C GLY B 116 -3.57 -16.97 14.44
N GLY B 117 -3.03 -17.95 13.75
CA GLY B 117 -2.92 -17.97 12.31
C GLY B 117 -1.65 -17.25 11.89
N GLU B 118 -1.47 -17.05 10.57
CA GLU B 118 -0.31 -16.36 10.02
C GLU B 118 -0.45 -14.86 10.24
N LEU B 119 0.71 -14.16 10.32
CA LEU B 119 0.75 -12.70 10.42
C LEU B 119 0.13 -12.10 9.15
N PHE B 120 0.36 -12.77 8.00
CA PHE B 120 -0.16 -12.45 6.68
C PHE B 120 -1.67 -12.18 6.75
N ASP B 121 -2.43 -13.10 7.38
CA ASP B 121 -3.89 -12.99 7.54
C ASP B 121 -4.27 -11.83 8.45
N GLU B 122 -3.42 -11.47 9.43
CA GLU B 122 -3.67 -10.34 10.32
C GLU B 122 -3.47 -9.03 9.55
N ILE B 123 -2.45 -8.99 8.66
CA ILE B 123 -2.13 -7.85 7.80
C ILE B 123 -3.30 -7.60 6.82
N ILE B 124 -3.93 -8.66 6.28
CA ILE B 124 -5.10 -8.53 5.38
C ILE B 124 -6.26 -7.87 6.14
N SER B 125 -6.57 -8.36 7.36
CA SER B 125 -7.68 -7.86 8.18
C SER B 125 -7.47 -6.42 8.69
N ARG B 126 -6.28 -6.10 9.23
CA ARG B 126 -5.97 -4.80 9.79
C ARG B 126 -5.61 -3.76 8.73
N LYS B 127 -5.19 -4.22 7.52
CA LYS B 127 -4.76 -3.41 6.35
C LYS B 127 -3.42 -2.72 6.60
N ARG B 128 -3.32 -1.94 7.70
CA ARG B 128 -2.13 -1.17 8.09
C ARG B 128 -1.93 -1.23 9.62
N PHE B 129 -0.67 -1.10 10.07
CA PHE B 129 -0.31 -1.16 11.49
C PHE B 129 0.31 0.14 11.98
N SER B 130 -0.07 0.56 13.22
CA SER B 130 0.45 1.74 13.90
C SER B 130 1.93 1.49 14.21
N GLU B 131 2.75 2.55 14.18
CA GLU B 131 4.21 2.47 14.41
C GLU B 131 4.58 1.70 15.69
N VAL B 132 3.76 1.82 16.76
CA VAL B 132 4.01 1.13 18.02
C VAL B 132 3.78 -0.42 17.85
N ASP B 133 2.75 -0.81 17.05
CA ASP B 133 2.44 -2.22 16.77
C ASP B 133 3.45 -2.83 15.80
N ALA B 134 3.87 -2.06 14.77
CA ALA B 134 4.86 -2.48 13.78
C ALA B 134 6.23 -2.72 14.43
N ALA B 135 6.58 -1.91 15.44
CA ALA B 135 7.84 -2.03 16.17
C ALA B 135 7.86 -3.26 17.06
N ARG B 136 6.73 -3.55 17.77
CA ARG B 136 6.58 -4.72 18.65
C ARG B 136 6.84 -5.99 17.82
N ILE B 137 6.14 -6.10 16.66
CA ILE B 137 6.23 -7.20 15.71
C ILE B 137 7.65 -7.30 15.15
N ILE B 138 8.22 -6.19 14.62
CA ILE B 138 9.56 -6.21 14.03
C ILE B 138 10.65 -6.51 15.09
N ARG B 139 10.48 -6.07 16.35
CA ARG B 139 11.47 -6.37 17.40
C ARG B 139 11.43 -7.88 17.68
N GLN B 140 10.20 -8.45 17.80
CA GLN B 140 9.96 -9.88 18.01
C GLN B 140 10.53 -10.72 16.84
N VAL B 141 10.46 -10.19 15.59
CA VAL B 141 11.00 -10.87 14.39
C VAL B 141 12.53 -10.79 14.44
N LEU B 142 13.09 -9.56 14.54
CA LEU B 142 14.54 -9.30 14.57
C LEU B 142 15.28 -9.99 15.71
N SER B 143 14.58 -10.35 16.81
CA SER B 143 15.19 -11.08 17.92
C SER B 143 15.53 -12.50 17.44
N GLY B 144 14.54 -13.14 16.82
CA GLY B 144 14.63 -14.48 16.26
C GLY B 144 15.71 -14.62 15.20
N ILE B 145 15.83 -13.59 14.32
CA ILE B 145 16.84 -13.55 13.25
C ILE B 145 18.25 -13.52 13.86
N THR B 146 18.42 -12.84 15.02
CA THR B 146 19.67 -12.78 15.76
C THR B 146 19.94 -14.15 16.43
N TYR B 147 18.92 -14.77 17.07
N TYR B 147 18.92 -14.76 17.06
CA TYR B 147 19.01 -16.09 17.73
CA TYR B 147 18.99 -16.07 17.73
C TYR B 147 19.29 -17.21 16.70
C TYR B 147 19.19 -17.23 16.71
N MET B 148 19.15 -16.89 15.39
CA MET B 148 19.35 -17.84 14.28
C MET B 148 20.73 -17.67 13.63
N HIS B 149 21.11 -16.40 13.33
CA HIS B 149 22.38 -16.05 12.66
C HIS B 149 23.62 -16.41 13.49
N LYS B 150 23.52 -16.41 14.83
CA LYS B 150 24.63 -16.79 15.70
C LYS B 150 24.80 -18.33 15.74
N ASN B 151 23.73 -19.08 15.39
CA ASN B 151 23.70 -20.54 15.35
C ASN B 151 23.82 -21.09 13.91
N LYS B 152 24.29 -20.24 12.96
CA LYS B 152 24.48 -20.54 11.52
C LYS B 152 23.14 -20.99 10.81
N ILE B 153 22.00 -20.40 11.23
CA ILE B 153 20.67 -20.70 10.66
C ILE B 153 20.16 -19.48 9.85
N VAL B 154 20.31 -19.54 8.52
CA VAL B 154 19.80 -18.51 7.61
C VAL B 154 18.44 -18.99 7.08
N HIS B 155 17.35 -18.21 7.34
CA HIS B 155 15.98 -18.56 6.95
C HIS B 155 15.81 -18.69 5.44
N ARG B 156 16.19 -17.64 4.67
CA ARG B 156 16.10 -17.52 3.19
C ARG B 156 14.62 -17.47 2.68
N ASP B 157 13.62 -17.81 3.53
CA ASP B 157 12.19 -17.78 3.16
C ASP B 157 11.37 -16.98 4.21
N LEU B 158 11.91 -15.84 4.67
CA LEU B 158 11.24 -15.02 5.67
C LEU B 158 10.12 -14.19 5.03
N LYS B 159 8.88 -14.36 5.57
CA LYS B 159 7.65 -13.70 5.09
C LYS B 159 6.49 -13.83 6.11
N PRO B 160 5.45 -12.93 6.06
CA PRO B 160 4.33 -13.01 7.03
C PRO B 160 3.61 -14.35 7.13
N GLU B 161 3.70 -15.21 6.11
CA GLU B 161 3.09 -16.54 6.11
C GLU B 161 3.88 -17.48 7.05
N ASN B 162 5.21 -17.23 7.14
CA ASN B 162 6.14 -18.00 7.97
C ASN B 162 6.29 -17.43 9.41
N LEU B 163 5.34 -16.55 9.84
CA LEU B 163 5.28 -15.96 11.18
C LEU B 163 3.89 -16.22 11.76
N LEU B 164 3.83 -16.97 12.88
CA LEU B 164 2.54 -17.31 13.51
C LEU B 164 2.29 -16.55 14.79
N LEU B 165 1.01 -16.35 15.12
CA LEU B 165 0.59 -15.71 16.35
C LEU B 165 0.17 -16.83 17.31
N GLU B 166 0.57 -16.76 18.60
CA GLU B 166 0.25 -17.79 19.61
C GLU B 166 -1.27 -18.04 19.75
N SER B 167 -2.09 -16.96 19.72
N SER B 167 -2.09 -16.96 19.68
CA SER B 167 -3.54 -17.01 19.81
CA SER B 167 -3.54 -17.05 19.70
C SER B 167 -4.20 -15.82 19.09
C SER B 167 -4.20 -15.83 19.05
N LYS B 168 -5.55 -15.84 18.96
CA LYS B 168 -6.37 -14.78 18.34
C LYS B 168 -6.35 -13.44 19.13
N SER B 169 -5.69 -13.42 20.30
CA SER B 169 -5.52 -12.25 21.15
C SER B 169 -4.51 -11.29 20.53
N LYS B 170 -4.81 -9.97 20.57
CA LYS B 170 -3.98 -8.89 20.01
C LYS B 170 -2.59 -8.75 20.69
N ASP B 171 -2.48 -9.21 21.97
CA ASP B 171 -1.25 -9.17 22.78
C ASP B 171 -0.25 -10.30 22.43
N ALA B 172 -0.74 -11.39 21.78
CA ALA B 172 0.05 -12.59 21.41
C ALA B 172 1.30 -12.29 20.58
N ASN B 173 2.44 -12.91 20.97
CA ASN B 173 3.76 -12.78 20.35
C ASN B 173 3.78 -13.51 19.01
N ILE B 174 4.76 -13.20 18.15
CA ILE B 174 4.88 -13.88 16.87
C ILE B 174 5.92 -15.01 17.01
N ARG B 175 5.73 -16.11 16.28
CA ARG B 175 6.63 -17.27 16.33
C ARG B 175 7.03 -17.68 14.93
N ILE B 176 8.32 -17.42 14.56
CA ILE B 176 8.93 -17.74 13.26
C ILE B 176 8.87 -19.26 13.03
N ILE B 177 8.32 -19.70 11.87
CA ILE B 177 8.18 -21.12 11.51
C ILE B 177 8.86 -21.44 10.15
N ASP B 178 8.86 -22.76 9.77
CA ASP B 178 9.38 -23.38 8.54
C ASP B 178 10.78 -22.87 8.14
N PHE B 179 11.81 -23.39 8.83
CA PHE B 179 13.23 -23.05 8.61
C PHE B 179 14.18 -24.22 8.94
N GLY B 180 15.34 -24.23 8.27
CA GLY B 180 16.42 -25.20 8.47
C GLY B 180 16.18 -26.64 8.05
N LEU B 181 15.09 -26.91 7.31
CA LEU B 181 14.79 -28.27 6.84
C LEU B 181 15.34 -28.50 5.41
N SER B 182 15.99 -27.47 4.81
CA SER B 182 16.61 -27.53 3.48
C SER B 182 17.94 -28.33 3.49
N THR B 183 18.27 -28.93 4.66
CA THR B 183 19.46 -29.76 4.93
C THR B 183 19.46 -31.03 4.04
N HIS B 184 18.37 -31.83 4.09
CA HIS B 184 18.22 -33.08 3.33
C HIS B 184 16.85 -33.18 2.67
N PHE B 185 16.23 -32.03 2.33
CA PHE B 185 14.91 -32.02 1.70
C PHE B 185 14.81 -31.02 0.56
N GLU B 186 13.99 -31.40 -0.45
CA GLU B 186 13.68 -30.64 -1.66
C GLU B 186 12.32 -31.12 -2.17
N ALA B 187 11.38 -30.17 -2.40
CA ALA B 187 10.03 -30.50 -2.87
C ALA B 187 9.49 -29.46 -3.88
N SER B 188 8.37 -29.81 -4.56
CA SER B 188 7.70 -28.96 -5.55
C SER B 188 6.99 -27.80 -4.85
N LYS B 189 7.50 -26.58 -5.07
CA LYS B 189 6.97 -25.34 -4.51
C LYS B 189 5.95 -24.76 -5.50
N LYS B 190 4.69 -24.57 -5.03
CA LYS B 190 3.58 -24.02 -5.83
C LYS B 190 3.86 -22.57 -6.27
N MET B 191 3.17 -22.11 -7.34
CA MET B 191 3.30 -20.75 -7.88
C MET B 191 2.87 -19.69 -6.86
N LYS B 192 1.84 -20.02 -6.03
CA LYS B 192 1.29 -19.16 -4.95
C LYS B 192 2.38 -18.82 -3.95
N ASP B 193 3.21 -19.81 -3.60
CA ASP B 193 4.34 -19.69 -2.70
C ASP B 193 5.52 -19.01 -3.39
N LYS B 194 5.81 -19.35 -4.67
CA LYS B 194 6.90 -18.75 -5.47
C LYS B 194 6.75 -17.22 -5.52
N ILE B 195 5.54 -16.74 -5.92
CA ILE B 195 5.15 -15.32 -5.96
C ILE B 195 5.23 -14.72 -4.54
N GLY B 196 4.76 -15.49 -3.56
CA GLY B 196 4.74 -15.12 -2.14
C GLY B 196 6.09 -14.71 -1.59
N THR B 197 7.15 -15.49 -1.89
CA THR B 197 8.51 -15.20 -1.42
C THR B 197 9.23 -14.22 -2.37
N ALA B 198 8.70 -14.02 -3.60
CA ALA B 198 9.28 -13.10 -4.60
C ALA B 198 9.30 -11.66 -4.07
N TYR B 199 8.29 -11.29 -3.24
CA TYR B 199 8.17 -9.97 -2.64
C TYR B 199 9.24 -9.70 -1.56
N TYR B 200 9.67 -10.76 -0.84
CA TYR B 200 10.59 -10.67 0.31
C TYR B 200 12.01 -11.19 0.07
N ILE B 201 12.29 -11.73 -1.12
CA ILE B 201 13.62 -12.27 -1.45
C ILE B 201 14.64 -11.12 -1.64
N ALA B 202 15.87 -11.32 -1.14
CA ALA B 202 16.96 -10.35 -1.25
C ALA B 202 17.55 -10.41 -2.68
N PRO B 203 18.08 -9.30 -3.25
CA PRO B 203 18.59 -9.35 -4.64
C PRO B 203 19.82 -10.23 -4.87
N GLU B 204 20.62 -10.51 -3.82
CA GLU B 204 21.82 -11.36 -3.91
C GLU B 204 21.47 -12.85 -4.15
N VAL B 205 20.30 -13.31 -3.63
CA VAL B 205 19.81 -14.70 -3.80
C VAL B 205 19.55 -14.95 -5.30
N LEU B 206 18.97 -13.94 -5.99
CA LEU B 206 18.68 -13.97 -7.45
C LEU B 206 19.99 -14.03 -8.27
N HIS B 207 21.05 -13.34 -7.77
CA HIS B 207 22.37 -13.29 -8.39
C HIS B 207 23.08 -14.66 -8.27
N GLY B 208 23.10 -15.21 -7.05
CA GLY B 208 23.73 -16.49 -6.76
C GLY B 208 24.31 -16.60 -5.37
N THR B 209 25.38 -15.82 -5.10
CA THR B 209 26.09 -15.79 -3.81
C THR B 209 25.26 -15.03 -2.75
N TYR B 210 25.00 -15.67 -1.58
CA TYR B 210 24.21 -15.07 -0.49
C TYR B 210 24.64 -15.58 0.90
N ASP B 211 24.36 -14.78 1.94
CA ASP B 211 24.65 -15.11 3.35
C ASP B 211 23.44 -14.74 4.24
N GLU B 212 23.68 -14.59 5.56
CA GLU B 212 22.66 -14.27 6.59
C GLU B 212 21.99 -12.88 6.41
N LYS B 213 22.65 -11.94 5.70
CA LYS B 213 22.13 -10.57 5.46
C LYS B 213 20.82 -10.54 4.62
N CYS B 214 20.49 -11.66 3.94
CA CYS B 214 19.29 -11.81 3.11
C CYS B 214 18.00 -11.79 3.96
N ASP B 215 18.07 -12.28 5.22
CA ASP B 215 16.91 -12.31 6.15
C ASP B 215 16.55 -10.92 6.64
N VAL B 216 17.56 -10.01 6.71
CA VAL B 216 17.40 -8.61 7.15
C VAL B 216 16.55 -7.86 6.11
N TRP B 217 16.81 -8.10 4.81
CA TRP B 217 16.08 -7.54 3.67
C TRP B 217 14.60 -7.93 3.79
N SER B 218 14.33 -9.24 4.00
CA SER B 218 12.98 -9.80 4.16
C SER B 218 12.24 -9.13 5.30
N THR B 219 12.92 -8.90 6.44
CA THR B 219 12.39 -8.22 7.64
C THR B 219 12.01 -6.78 7.29
N GLY B 220 12.87 -6.13 6.48
CA GLY B 220 12.66 -4.76 6.01
C GLY B 220 11.42 -4.61 5.14
N VAL B 221 11.20 -5.61 4.25
CA VAL B 221 10.05 -5.69 3.36
C VAL B 221 8.78 -5.93 4.21
N ILE B 222 8.89 -6.79 5.27
CA ILE B 222 7.79 -7.06 6.21
C ILE B 222 7.39 -5.74 6.91
N LEU B 223 8.38 -4.97 7.44
CA LEU B 223 8.17 -3.68 8.11
C LEU B 223 7.48 -2.67 7.19
N TYR B 224 7.98 -2.54 5.94
CA TYR B 224 7.46 -1.64 4.90
C TYR B 224 5.96 -1.90 4.66
N ILE B 225 5.58 -3.19 4.50
CA ILE B 225 4.20 -3.63 4.26
C ILE B 225 3.34 -3.39 5.51
N LEU B 226 3.91 -3.54 6.72
CA LEU B 226 3.19 -3.29 7.97
C LEU B 226 2.81 -1.81 8.14
N LEU B 227 3.70 -0.89 7.69
CA LEU B 227 3.49 0.56 7.82
C LEU B 227 2.67 1.17 6.67
N SER B 228 2.69 0.56 5.47
CA SER B 228 1.97 1.10 4.32
C SER B 228 0.81 0.24 3.83
N GLY B 229 0.89 -1.07 4.06
CA GLY B 229 -0.09 -2.03 3.57
C GLY B 229 0.17 -2.42 2.11
N CYS B 230 1.31 -1.94 1.54
CA CYS B 230 1.74 -2.12 0.16
C CYS B 230 3.12 -2.71 0.09
N PRO B 231 3.40 -3.59 -0.92
CA PRO B 231 4.76 -4.11 -1.05
C PRO B 231 5.69 -3.07 -1.70
N PRO B 232 7.01 -3.04 -1.37
CA PRO B 232 7.89 -2.05 -2.03
C PRO B 232 8.14 -2.38 -3.50
N PHE B 233 8.27 -3.68 -3.82
CA PHE B 233 8.52 -4.17 -5.17
C PHE B 233 7.29 -4.97 -5.63
N ASN B 234 6.58 -4.43 -6.64
CA ASN B 234 5.35 -5.01 -7.18
C ASN B 234 5.50 -5.59 -8.58
N GLY B 235 4.66 -6.55 -8.90
CA GLY B 235 4.64 -7.22 -10.20
C GLY B 235 3.40 -8.07 -10.41
N ALA B 236 3.07 -8.31 -11.69
CA ALA B 236 1.91 -9.11 -12.12
C ALA B 236 2.09 -10.62 -11.88
N ASN B 237 3.33 -11.11 -11.95
CA ASN B 237 3.70 -12.52 -11.77
C ASN B 237 5.05 -12.61 -11.02
N GLU B 238 5.59 -13.85 -10.81
CA GLU B 238 6.85 -14.07 -10.10
C GLU B 238 8.04 -13.35 -10.78
N TYR B 239 8.22 -13.52 -12.12
CA TYR B 239 9.30 -12.90 -12.90
C TYR B 239 9.29 -11.37 -12.78
N ASP B 240 8.08 -10.75 -12.84
CA ASP B 240 7.88 -9.30 -12.76
C ASP B 240 8.33 -8.73 -11.41
N ILE B 241 7.98 -9.41 -10.28
CA ILE B 241 8.35 -8.97 -8.93
C ILE B 241 9.88 -9.03 -8.79
N LEU B 242 10.49 -10.15 -9.21
CA LEU B 242 11.93 -10.40 -9.15
C LEU B 242 12.76 -9.35 -9.89
N LYS B 243 12.29 -8.89 -11.09
CA LYS B 243 12.99 -7.86 -11.87
C LYS B 243 12.97 -6.49 -11.18
N LYS B 244 11.93 -6.22 -10.35
CA LYS B 244 11.82 -4.98 -9.57
C LYS B 244 12.74 -5.07 -8.35
N VAL B 245 12.90 -6.29 -7.79
CA VAL B 245 13.77 -6.59 -6.64
C VAL B 245 15.25 -6.42 -7.08
N GLU B 246 15.58 -6.92 -8.30
CA GLU B 246 16.91 -6.87 -8.93
C GLU B 246 17.36 -5.41 -9.16
N LYS B 247 16.39 -4.49 -9.34
CA LYS B 247 16.70 -3.06 -9.51
C LYS B 247 16.94 -2.40 -8.15
N GLY B 248 16.32 -2.96 -7.09
CA GLY B 248 16.44 -2.49 -5.72
C GLY B 248 15.82 -1.14 -5.41
N LYS B 249 15.28 -0.47 -6.45
CA LYS B 249 14.65 0.83 -6.34
C LYS B 249 13.21 0.73 -5.79
N TYR B 250 12.89 1.60 -4.80
CA TYR B 250 11.60 1.71 -4.12
C TYR B 250 11.43 3.15 -3.57
N THR B 251 10.21 3.51 -3.12
CA THR B 251 9.92 4.86 -2.60
C THR B 251 8.92 4.88 -1.45
N PHE B 252 8.77 6.07 -0.83
CA PHE B 252 7.82 6.36 0.24
C PHE B 252 6.86 7.46 -0.27
N GLU B 253 6.71 7.54 -1.62
CA GLU B 253 5.85 8.51 -2.28
C GLU B 253 4.40 7.98 -2.40
N LEU B 254 3.81 7.65 -1.24
CA LEU B 254 2.45 7.16 -1.09
C LEU B 254 1.75 7.96 0.02
N PRO B 255 0.40 8.18 -0.07
CA PRO B 255 -0.30 8.95 0.99
C PRO B 255 -0.09 8.46 2.43
N GLN B 256 -0.02 7.14 2.65
CA GLN B 256 0.14 6.52 3.98
C GLN B 256 1.55 6.73 4.59
N TRP B 257 2.56 7.06 3.76
CA TRP B 257 3.92 7.30 4.25
C TRP B 257 4.13 8.73 4.79
N LYS B 258 3.18 9.65 4.50
CA LYS B 258 3.26 11.06 4.91
C LYS B 258 3.44 11.22 6.42
N LYS B 259 2.57 10.59 7.23
CA LYS B 259 2.61 10.68 8.70
C LYS B 259 3.60 9.70 9.36
N VAL B 260 4.33 8.88 8.57
CA VAL B 260 5.31 7.94 9.09
C VAL B 260 6.59 8.70 9.47
N SER B 261 7.10 8.46 10.70
CA SER B 261 8.30 9.08 11.25
C SER B 261 9.52 8.80 10.38
N GLU B 262 10.46 9.75 10.33
CA GLU B 262 11.69 9.64 9.54
C GLU B 262 12.62 8.54 10.07
N SER B 263 12.52 8.21 11.39
CA SER B 263 13.30 7.15 12.06
C SER B 263 12.86 5.77 11.54
N ALA B 264 11.52 5.54 11.43
CA ALA B 264 10.93 4.30 10.90
C ALA B 264 11.41 4.08 9.47
N LYS B 265 11.45 5.18 8.67
CA LYS B 265 11.91 5.19 7.27
C LYS B 265 13.41 4.94 7.16
N ASP B 266 14.18 5.41 8.17
CA ASP B 266 15.63 5.25 8.22
C ASP B 266 16.03 3.79 8.46
N LEU B 267 15.30 3.10 9.37
CA LEU B 267 15.54 1.69 9.67
C LEU B 267 15.22 0.82 8.43
N ILE B 268 14.12 1.18 7.69
CA ILE B 268 13.71 0.52 6.43
C ILE B 268 14.82 0.68 5.39
N ARG B 269 15.38 1.92 5.28
CA ARG B 269 16.45 2.30 4.36
C ARG B 269 17.74 1.48 4.58
N LYS B 270 18.06 1.14 5.85
CA LYS B 270 19.26 0.38 6.21
C LYS B 270 19.10 -1.11 5.85
N MET B 271 17.93 -1.71 6.22
CA MET B 271 17.59 -3.12 5.94
C MET B 271 17.43 -3.37 4.44
N LEU B 272 17.05 -2.32 3.68
CA LEU B 272 16.84 -2.41 2.25
C LEU B 272 18.00 -1.78 1.45
N THR B 273 19.27 -2.06 1.87
CA THR B 273 20.47 -1.60 1.17
C THR B 273 20.81 -2.68 0.11
N TYR B 274 20.94 -2.28 -1.16
CA TYR B 274 21.18 -3.18 -2.30
C TYR B 274 22.41 -4.09 -2.13
N VAL B 275 23.56 -3.55 -1.70
CA VAL B 275 24.77 -4.34 -1.48
C VAL B 275 24.69 -4.96 -0.06
N PRO B 276 24.83 -6.31 0.08
CA PRO B 276 24.72 -6.94 1.42
C PRO B 276 25.73 -6.45 2.47
N SER B 277 27.00 -6.16 2.07
CA SER B 277 28.06 -5.69 2.97
C SER B 277 27.73 -4.33 3.61
N MET B 278 27.17 -3.39 2.81
CA MET B 278 26.75 -2.05 3.25
C MET B 278 25.45 -2.12 4.10
N ARG B 279 24.68 -3.22 3.96
CA ARG B 279 23.43 -3.46 4.69
C ARG B 279 23.69 -3.77 6.16
N ILE B 280 22.82 -3.25 7.04
CA ILE B 280 22.82 -3.44 8.50
C ILE B 280 22.66 -4.94 8.88
N SER B 281 23.08 -5.33 10.09
CA SER B 281 22.94 -6.69 10.61
C SER B 281 21.64 -6.75 11.47
N ALA B 282 21.10 -7.97 11.70
CA ALA B 282 19.87 -8.19 12.48
C ALA B 282 19.99 -7.70 13.94
N ARG B 283 21.16 -7.98 14.58
CA ARG B 283 21.48 -7.60 15.96
C ARG B 283 21.60 -6.06 16.07
N ASP B 284 22.32 -5.44 15.10
CA ASP B 284 22.54 -3.98 15.02
C ASP B 284 21.23 -3.23 14.79
N ALA B 285 20.33 -3.79 13.92
CA ALA B 285 19.01 -3.22 13.61
C ALA B 285 18.09 -3.19 14.84
N LEU B 286 18.29 -4.10 15.82
CA LEU B 286 17.51 -4.13 17.07
C LEU B 286 17.91 -2.96 17.96
N ASP B 287 19.11 -2.37 17.71
CA ASP B 287 19.64 -1.21 18.42
C ASP B 287 19.38 0.08 17.60
N HIS B 288 18.17 0.19 17.01
CA HIS B 288 17.74 1.36 16.25
C HIS B 288 16.84 2.21 17.12
N GLU B 289 16.97 3.54 16.98
CA GLU B 289 16.20 4.58 17.68
C GLU B 289 14.69 4.28 17.64
N TRP B 290 14.14 3.98 16.44
CA TRP B 290 12.71 3.69 16.22
C TRP B 290 12.22 2.49 17.04
N ILE B 291 13.01 1.39 17.06
CA ILE B 291 12.68 0.17 17.82
C ILE B 291 12.78 0.48 19.32
N GLN B 292 13.90 1.11 19.74
CA GLN B 292 14.15 1.48 21.13
C GLN B 292 13.03 2.37 21.71
N THR B 293 12.62 3.41 20.95
CA THR B 293 11.58 4.36 21.37
C THR B 293 10.17 3.78 21.45
N TYR B 294 9.79 2.88 20.52
CA TYR B 294 8.42 2.35 20.49
C TYR B 294 8.20 1.03 21.28
N THR B 295 9.24 0.50 21.99
CA THR B 295 9.13 -0.72 22.81
C THR B 295 8.23 -0.50 24.02
#